data_9MOZ
#
_entry.id   9MOZ
#
_cell.length_a   93.471
_cell.length_b   93.471
_cell.length_c   65.405
_cell.angle_alpha   90.00
_cell.angle_beta   90.00
_cell.angle_gamma   120.00
#
_symmetry.space_group_name_H-M   'P 31 2 1'
#
loop_
_entity.id
_entity.type
_entity.pdbx_description
1 polymer "DNA (5'-D(*AP*GP*AP*GP*GP*CP*CP*TP*CP*T)-3')"
2 non-polymer 'ZINC ION'
3 non-polymer 'methyl (2S)-2-({(2S)-2-[(2R,3S)-3-{[(2S,4R,5R,6R)-4-{[(2S,4R,5S,6R)-4-{[(2S,4S,5R,6R)-4,5-dihydroxy-4,6-dimethyloxan-2-yl]oxy}-5-hydroxy-6-methyloxan-2-yl]oxy}-5-hydroxy-6-methyloxan-2-yl]oxy}-7-{[(2S,4R,5R,6R)-4-{[(2S,4R,5S,6R)-4,5-dihydroxy-6-methyloxan-2-yl]oxy}-5-hydroxy-6-methyloxan-2-yl]oxy}-5,10-dihydroxy-6-methyl-4-oxo-1,2,3,4-tetrahydroanthracen-2-yl]-2-methoxyacetyl}amino)-3-(5-methyl-1H-indol-3-yl)propanoate (non-preferred name)'
4 non-polymer 'CHLORIDE ION'
5 non-polymer 'SODIUM ION'
6 water water
#
_entity_poly.entity_id   1
_entity_poly.type   'polydeoxyribonucleotide'
_entity_poly.pdbx_seq_one_letter_code
;(DA)(DG)(DA)(DG)(DG)(DC)(DC)(DT)(DC)(DT)
;
_entity_poly.pdbx_strand_id   A,B,D,E,G,H
#
loop_
_chem_comp.id
_chem_comp.type
_chem_comp.name
_chem_comp.formula
A1BNI non-polymer 'methyl (2S)-2-({(2S)-2-[(2R,3S)-3-{[(2S,4R,5R,6R)-4-{[(2S,4R,5S,6R)-4-{[(2S,4S,5R,6R)-4,5-dihydroxy-4,6-dimethyloxan-2-yl]oxy}-5-hydroxy-6-methyloxan-2-yl]oxy}-5-hydroxy-6-methyloxan-2-yl]oxy}-7-{[(2S,4R,5R,6R)-4-{[(2S,4R,5S,6R)-4,5-dihydroxy-6-methyloxan-2-yl]oxy}-5-hydroxy-6-methyloxan-2-yl]oxy}-5,10-dihydroxy-6-methyl-4-oxo-1,2,3,4-tetrahydroanthracen-2-yl]-2-methoxyacetyl}amino)-3-(5-methyl-1H-indol-3-yl)propanoate (non-preferred name)' 'C62 H84 N2 O24'
CL non-polymer 'CHLORIDE ION' 'Cl -1'
DA DNA linking 2'-DEOXYADENOSINE-5'-MONOPHOSPHATE 'C10 H14 N5 O6 P'
DC DNA linking 2'-DEOXYCYTIDINE-5'-MONOPHOSPHATE 'C9 H14 N3 O7 P'
DG DNA linking 2'-DEOXYGUANOSINE-5'-MONOPHOSPHATE 'C10 H14 N5 O7 P'
DT DNA linking THYMIDINE-5'-MONOPHOSPHATE 'C10 H15 N2 O8 P'
NA non-polymer 'SODIUM ION' 'Na 1'
ZN non-polymer 'ZINC ION' 'Zn 2'
#
# COMPACT_ATOMS: atom_id res chain seq x y z
ZN ZN G . 16.43 -27.64 9.82
ZN ZN H . 9.45 -17.65 7.34
O4 A1BNI I . 6.50 -16.68 3.86
O3 A1BNI I . 4.77 -14.58 3.12
O2 A1BNI I . 2.76 -13.39 4.28
C1 A1BNI I . 3.92 -15.40 3.93
C2 A1BNI I . 2.67 -14.60 4.19
C17 A1BNI I . 4.92 -15.73 7.72
C18 A1BNI I . 4.31 -15.57 8.97
C19 A1BNI I . 6.17 -16.36 7.64
C A1BNI I . 4.63 -15.91 5.20
C16 A1BNI I . 4.22 -15.19 6.49
C15 A1BNI I . 4.43 -14.59 1.73
C21 A1BNI I . 6.17 -15.92 5.04
C20 A1BNI I . 6.81 -16.52 6.28
O14 A1BNI I . 7.82 -17.20 6.16
C43 A1BNI I . 4.91 -16.04 10.13
C42 A1BNI I . 6.16 -16.66 10.06
C41 A1BNI I . 6.78 -16.83 8.81
O15 A1BNI I . 8.00 -17.44 8.78
C44 A1BNI I . 4.27 -15.87 11.37
C45 A1BNI I . 4.87 -16.33 12.55
C58 A1BNI I . 6.12 -16.95 12.48
C59 A1BNI I . 6.76 -17.46 13.76
C60 A1BNI I . 6.75 -17.12 11.25
O23 A1BNI I . 7.96 -17.74 11.21
O16 A1BNI I . 4.27 -16.18 13.78
C11 A1BNI I . 0.64 -13.59 10.09
C6 A1BNI I . 1.16 -11.56 6.05
C8 A1BNI I . 0.43 -13.21 7.34
C3 A1BNI I . 0.16 -14.88 4.48
C10 A1BNI I . -0.01 -14.54 9.30
C4 A1BNI I . -0.07 -13.38 4.74
C7 A1BNI I . 1.09 -12.27 8.13
C9 A1BNI I . -0.12 -14.36 7.92
N1 A1BNI I . 1.51 -11.28 7.32
C5 A1BNI I . 0.49 -12.77 6.02
O1 A1BNI I . -1.49 -16.01 3.20
O A1BNI I . -0.21 -14.52 1.96
C14 A1BNI I . -1.20 -13.92 1.12
N A1BNI I . 1.55 -15.30 4.27
C13 A1BNI I . -0.59 -15.20 3.20
C12 A1BNI I . 1.19 -12.46 9.50
C61 A1BNI I . -0.59 -15.77 9.95
C22 A1BNI I . 7.73 -16.34 3.20
C23 A1BNI I . 8.28 -17.56 2.44
C24 A1BNI I . 9.46 -17.23 1.51
C25 A1BNI I . 9.13 -16.00 0.68
C26 A1BNI I . 8.69 -14.86 1.60
C27 A1BNI I . 8.41 -13.54 0.87
O5 A1BNI I . 7.50 -15.27 2.28
O7 A1BNI I . 9.74 -18.36 0.65
O6 A1BNI I . 10.25 -15.61 -0.11
C28 A1BNI I . 11.12 -18.63 0.37
C29 A1BNI I . 11.31 -20.03 -0.22
C30 A1BNI I . 12.78 -20.31 -0.56
C31 A1BNI I . 13.40 -19.15 -1.35
C32 A1BNI I . 13.08 -17.81 -0.69
C33 A1BNI I . 13.66 -16.64 -1.47
O8 A1BNI I . 11.66 -17.69 -0.56
O10 A1BNI I . 12.91 -21.50 -1.35
O9 A1BNI I . 12.87 -19.17 -2.68
C34 A1BNI I . 13.16 -22.70 -0.61
C35 A1BNI I . 12.77 -23.90 -1.49
C36 A1BNI I . 13.24 -25.24 -0.93
C37 A1BNI I . 14.70 -25.14 -0.51
C38 A1BNI I . 14.88 -23.97 0.45
C39 A1BNI I . 16.32 -23.89 0.98
C40 A1BNI I . 13.02 -26.35 -1.95
O12 A1BNI I . 14.54 -22.77 -0.23
O11 A1BNI I . 12.44 -25.55 0.23
O13 A1BNI I . 15.12 -26.37 0.12
C46 A1BNI I . 2.84 -16.28 13.98
C47 A1BNI I . 2.56 -16.93 15.34
C48 A1BNI I . 1.06 -16.96 15.65
C49 A1BNI I . 0.40 -15.61 15.40
C50 A1BNI I . 0.84 -14.99 14.08
C51 A1BNI I . 0.33 -13.55 14.00
O17 A1BNI I . 2.27 -14.98 13.96
O19 A1BNI I . 0.83 -17.29 17.02
O18 A1BNI I . -1.01 -15.79 15.41
C52 A1BNI I . 0.58 -18.68 17.22
C53 A1BNI I . 0.64 -19.06 18.69
C54 A1BNI I . 0.34 -20.55 18.87
C55 A1BNI I . -0.94 -20.96 18.12
C56 A1BNI I . -0.93 -20.42 16.69
C57 A1BNI I . -2.24 -20.72 15.97
O20 A1BNI I . -0.71 -19.01 16.70
O22 A1BNI I . 0.17 -20.88 20.25
O21 A1BNI I . -1.05 -22.38 18.11
O4 A1BNI J . 10.40 -13.26 7.62
O3 A1BNI J . 11.06 -11.35 4.14
O2 A1BNI J . 13.10 -10.19 6.77
C1 A1BNI J . 11.57 -11.44 5.48
C2 A1BNI J . 12.74 -10.50 5.64
C17 A1BNI J . 12.73 -15.05 4.59
C18 A1BNI J . 13.67 -15.70 3.79
C19 A1BNI J . 11.78 -15.81 5.28
C A1BNI J . 11.95 -12.89 5.81
C16 A1BNI J . 12.75 -13.54 4.67
C15 A1BNI J . 9.77 -10.74 4.05
C21 A1BNI J . 10.67 -13.61 6.25
C20 A1BNI J . 10.78 -15.10 6.16
O14 A1BNI J . 10.02 -15.76 6.84
C43 A1BNI J . 13.70 -17.09 3.69
C42 A1BNI J . 12.76 -17.85 4.37
C41 A1BNI J . 11.80 -17.19 5.18
O15 A1BNI J . 10.87 -17.92 5.87
C44 A1BNI J . 14.65 -17.72 2.88
C45 A1BNI J . 14.68 -19.13 2.76
C58 A1BNI J . 13.73 -19.88 3.45
C59 A1BNI J . 13.76 -21.39 3.32
C60 A1BNI J . 12.78 -19.25 4.26
O23 A1BNI J . 11.86 -20.00 4.93
O16 A1BNI J . 15.60 -19.79 1.98
C11 A1BNI J . 17.17 -14.25 1.60
C6 A1BNI J . 16.22 -11.54 5.14
C8 A1BNI J . 16.35 -11.99 2.97
C3 A1BNI J . 14.45 -9.12 4.56
C10 A1BNI J . 16.75 -13.13 0.89
C4 A1BNI J . 15.48 -9.62 3.54
C7 A1BNI J . 16.78 -13.10 3.69
C9 A1BNI J . 16.33 -11.99 1.58
N1 A1BNI J . 16.68 -12.80 5.00
C5 A1BNI J . 16.00 -11.00 3.87
O1 A1BNI J . 14.70 -6.77 4.50
O A1BNI J . 12.80 -7.51 3.44
C14 A1BNI J . 12.85 -6.82 2.18
N A1BNI J . 13.32 -10.04 4.53
C13 A1BNI J . 14.03 -7.74 4.19
C12 A1BNI J . 17.19 -14.24 2.99
C61 A1BNI J . 16.73 -13.14 -0.61
C22 A1BNI J . 9.03 -13.05 7.99
C23 A1BNI J . 8.86 -13.36 9.48
C24 A1BNI J . 7.58 -12.82 10.13
C25 A1BNI J . 7.08 -11.51 9.52
C26 A1BNI J . 7.33 -11.40 8.02
C27 A1BNI J . 6.98 -10.02 7.49
O5 A1BNI J . 8.69 -11.69 7.73
O7 A1BNI J . 7.81 -12.61 11.53
O6 A1BNI J . 5.67 -11.38 9.77
C28 A1BNI J . 6.74 -12.99 12.42
C29 A1BNI J . 7.24 -13.16 13.85
C30 A1BNI J . 6.11 -13.45 14.84
C31 A1BNI J . 4.88 -12.56 14.60
C32 A1BNI J . 4.57 -12.40 13.12
C33 A1BNI J . 3.44 -11.38 12.87
O8 A1BNI J . 5.73 -11.98 12.41
O10 A1BNI J . 6.53 -13.23 16.19
O9 A1BNI J . 5.11 -11.28 15.20
C34 A1BNI J . 6.82 -14.40 16.95
C35 A1BNI J . 7.48 -13.93 18.26
C36 A1BNI J . 7.62 -15.03 19.32
C37 A1BNI J . 6.30 -15.80 19.42
C38 A1BNI J . 5.90 -16.30 18.04
C39 A1BNI J . 4.69 -17.23 18.11
C40 A1BNI J . 8.01 -14.42 20.67
O12 A1BNI J . 5.63 -15.16 17.23
O11 A1BNI J . 8.65 -15.93 18.91
O13 A1BNI J . 6.43 -16.89 20.35
C46 A1BNI J . 16.89 -19.28 1.59
C47 A1BNI J . 17.95 -20.39 1.59
C48 A1BNI J . 19.25 -20.01 0.86
C49 A1BNI J . 18.93 -19.30 -0.45
C50 A1BNI J . 17.93 -18.16 -0.23
C51 A1BNI J . 17.63 -17.42 -1.54
O17 A1BNI J . 16.73 -18.72 0.29
O19 A1BNI J . 20.04 -21.16 0.57
O18 A1BNI J . 20.11 -18.78 -1.05
C52 A1BNI J . 20.97 -21.54 1.60
C53 A1BNI J . 21.50 -22.95 1.35
C54 A1BNI J . 22.54 -23.35 2.39
C55 A1BNI J . 23.61 -22.28 2.56
C56 A1BNI J . 22.97 -20.90 2.72
C57 A1BNI J . 24.02 -19.81 2.77
O20 A1BNI J . 22.08 -20.65 1.63
O22 A1BNI J . 23.17 -24.58 2.01
O21 A1BNI J . 24.42 -22.58 3.70
ZN ZN K . 8.15 -33.21 8.32
ZN ZN L . 13.38 -23.64 20.04
ZN ZN M . 11.10 -24.94 17.64
ZN ZN N . 16.31 -21.31 20.35
ZN ZN O . 19.01 -19.16 19.73
ZN ZN P . 21.99 -17.10 18.50
ZN ZN Q . 16.35 -24.41 22.30
CL CL R . 12.16 -25.59 20.47
CL CL S . 11.92 -26.05 19.90
ZN ZN T . -11.64 1.06 4.24
ZN ZN U . -4.71 7.96 11.52
O4 A1BNI V . -1.85 7.01 15.03
O3 A1BNI V . 0.84 9.79 16.48
O2 A1BNI V . 1.50 6.49 16.68
C1 A1BNI V . 0.44 8.50 16.01
C2 A1BNI V . 1.60 7.56 16.09
C17 A1BNI V . -0.21 9.94 12.43
C18 A1BNI V . 0.45 10.71 11.47
C19 A1BNI V . -1.44 9.37 12.14
C A1BNI V . -0.05 8.53 14.56
C16 A1BNI V . 0.43 9.76 13.80
C15 A1BNI V . 0.35 10.08 17.80
C21 A1BNI V . -1.58 8.34 14.56
C20 A1BNI V . -2.14 8.53 13.18
O14 A1BNI V . -3.17 7.96 12.90
C43 A1BNI V . -0.11 10.90 10.20
C42 A1BNI V . -1.34 10.32 9.90
C41 A1BNI V . -2.00 9.55 10.87
O15 A1BNI V . -3.20 8.99 10.58
C44 A1BNI V . 0.56 11.67 9.24
C45 A1BNI V . -0.01 11.86 7.97
C58 A1BNI V . -1.24 11.28 7.67
C59 A1BNI V . -1.83 11.49 6.30
C60 A1BNI V . -1.91 10.51 8.63
O23 A1BNI V . -3.11 9.95 8.32
O16 A1BNI V . 0.62 12.61 7.01
C11 A1BNI V . 8.75 10.92 16.33
C6 A1BNI V . 4.36 10.55 15.17
C8 A1BNI V . 6.43 9.77 15.38
C3 A1BNI V . 3.93 7.26 15.36
C10 A1BNI V . 8.77 9.60 15.87
C4 A1BNI V . 4.74 8.09 14.37
C7 A1BNI V . 6.39 11.08 15.85
C9 A1BNI V . 7.60 9.02 15.39
N1 A1BNI V . 5.12 11.52 15.71
C5 A1BNI V . 5.15 9.43 14.95
O1 A1BNI V . 5.53 6.27 16.81
O A1BNI V . 4.38 8.04 17.75
C14 A1BNI V . 4.22 7.56 19.08
N A1BNI V . 2.68 7.98 15.45
C13 A1BNI V . 4.67 7.12 16.66
C12 A1BNI V . 7.57 11.66 16.33
C61 A1BNI V . 10.04 8.79 15.88
C22 A1BNI V . -3.04 6.89 15.82
C23 A1BNI V . -3.46 5.42 15.91
C24 A1BNI V . -4.65 5.22 16.87
C25 A1BNI V . -4.40 5.95 18.20
C26 A1BNI V . -3.98 7.39 17.94
C27 A1BNI V . -3.72 8.18 19.21
O5 A1BNI V . -2.79 7.39 17.14
O7 A1BNI V . -4.87 3.82 17.10
O6 A1BNI V . -5.58 5.91 19.00
C28 A1BNI V . -6.24 3.39 17.05
C29 A1BNI V . -6.33 1.88 16.88
C30 A1BNI V . -7.78 1.38 16.93
C31 A1BNI V . -8.47 1.92 18.18
C32 A1BNI V . -8.30 3.44 18.26
C33 A1BNI V . -8.98 4.01 19.50
O8 A1BNI V . -6.90 3.76 18.28
O10 A1BNI V . -7.84 -0.05 16.95
O9 A1BNI V . -7.93 1.30 19.35
C34 A1BNI V . -8.19 -0.66 15.70
C35 A1BNI V . -7.86 -2.16 15.75
C36 A1BNI V . -8.29 -2.87 14.48
C37 A1BNI V . -9.74 -2.54 14.13
C38 A1BNI V . -9.96 -1.01 14.15
C39 A1BNI V . -11.42 -0.65 13.84
C40 A1BNI V . -8.11 -4.38 14.61
O12 A1BNI V . -9.59 -0.51 15.44
O11 A1BNI V . -7.45 -2.40 13.41
O13 A1BNI V . -10.07 -3.07 12.84
C46 A1BNI V . 2.04 12.58 6.81
C47 A1BNI V . 2.37 12.62 5.33
C48 A1BNI V . 3.88 12.62 5.10
C49 A1BNI V . 4.68 13.49 6.09
C50 A1BNI V . 4.06 13.61 7.48
C51 A1BNI V . 4.62 14.85 8.19
O17 A1BNI V . 2.65 13.72 7.42
O19 A1BNI V . 4.16 13.10 3.78
O18 A1BNI V . 5.99 12.91 6.23
C52 A1BNI V . 4.29 12.07 2.81
C53 A1BNI V . 4.21 12.65 1.40
C54 A1BNI V . 4.50 11.58 0.35
C55 A1BNI V . 5.78 10.83 0.69
C56 A1BNI V . 5.71 10.31 2.11
C57 A1BNI V . 6.97 9.53 2.51
O20 A1BNI V . 5.54 11.41 2.99
O22 A1BNI V . 4.62 12.18 -0.95
O21 A1BNI V . 5.98 9.75 -0.24
O4 A1BNI W . -5.42 11.85 13.87
O3 A1BNI W . -6.07 11.66 17.72
O2 A1BNI W . -8.25 13.89 16.04
C1 A1BNI W . -6.61 12.27 16.54
C2 A1BNI W . -7.81 13.12 16.88
C17 A1BNI W . -7.81 8.74 15.39
C18 A1BNI W . -8.74 7.78 15.76
C19 A1BNI W . -6.90 8.46 14.38
C A1BNI W . -6.99 11.20 15.51
C16 A1BNI W . -7.81 10.06 16.15
C15 A1BNI W . -4.81 12.21 18.11
C21 A1BNI W . -5.73 10.77 14.77
C20 A1BNI W . -5.89 9.50 13.97
O14 A1BNI W . -5.23 9.33 12.96
C43 A1BNI W . -8.79 6.55 15.10
C42 A1BNI W . -7.89 6.27 14.08
C41 A1BNI W . -6.94 7.23 13.72
O15 A1BNI W . -6.05 6.97 12.73
C44 A1BNI W . -9.73 5.59 15.48
C45 A1BNI W . -9.78 4.35 14.83
C58 A1BNI W . -8.87 4.07 13.81
C59 A1BNI W . -8.94 2.74 13.12
C60 A1BNI W . -7.94 5.02 13.44
O23 A1BNI W . -7.05 4.74 12.43
O16 A1BNI W . -10.71 3.39 15.18
C11 A1BNI W . -12.13 7.84 18.09
C6 A1BNI W . -11.17 12.08 16.70
C8 A1BNI W . -11.32 10.48 18.24
C3 A1BNI W . -9.46 13.77 18.60
C10 A1BNI W . -11.73 8.38 19.32
C4 A1BNI W . -10.48 12.77 19.13
C7 A1BNI W . -11.72 9.97 17.02
C9 A1BNI W . -11.33 9.70 19.40
N1 A1BNI W . -11.62 10.95 16.11
C5 A1BNI W . -10.97 11.81 18.06
O1 A1BNI W . -9.19 15.91 19.60
O A1BNI W . -8.49 14.12 20.92
C14 A1BNI W . -8.49 14.84 22.16
N A1BNI W . -8.31 13.00 18.12
C13 A1BNI W . -9.06 14.70 19.71
C12 A1BNI W . -12.13 8.63 16.95
C61 A1BNI W . -11.73 7.52 20.56
C22 A1BNI W . -4.04 12.11 13.64
C23 A1BNI W . -3.98 12.89 12.32
C24 A1BNI W . -2.62 13.54 12.06
C25 A1BNI W . -2.02 14.16 13.32
C26 A1BNI W . -2.12 13.21 14.50
C27 A1BNI W . -1.53 13.80 15.79
O5 A1BNI W . -3.50 12.88 14.71
O7 A1BNI W . -2.81 14.55 11.06
O6 A1BNI W . -0.65 14.49 13.07
C28 A1BNI W . -1.79 14.59 10.06
C29 A1BNI W . -2.38 15.23 8.80
C30 A1BNI W . -1.31 15.51 7.74
C31 A1BNI W . -0.07 16.18 8.35
C32 A1BNI W . 0.38 15.45 9.62
C33 A1BNI W . 1.57 16.15 10.28
O8 A1BNI W . -0.70 15.36 10.54
O10 A1BNI W . -1.85 16.34 6.73
O9 A1BNI W . -0.37 17.56 8.66
C34 A1BNI W . -1.67 15.84 5.39
C35 A1BNI W . -2.71 16.44 4.47
C36 A1BNI W . -2.50 15.98 3.03
C37 A1BNI W . -1.05 16.23 2.62
C38 A1BNI W . -0.07 15.66 3.64
C39 A1BNI W . 1.36 15.98 3.27
C40 A1BNI W . -3.47 16.69 2.08
O12 A1BNI W . -0.36 16.18 4.94
O11 A1BNI W . -2.76 14.57 2.97
O13 A1BNI W . -0.81 15.64 1.34
C46 A1BNI W . -12.00 3.67 15.74
C47 A1BNI W . -13.03 2.75 15.10
C48 A1BNI W . -14.38 2.75 15.83
C49 A1BNI W . -14.19 2.69 17.34
C50 A1BNI W . -13.18 3.72 17.82
C51 A1BNI W . -12.99 3.65 19.33
O17 A1BNI W . -11.94 3.46 17.16
O19 A1BNI W . -15.15 1.62 15.44
O18 A1BNI W . -15.44 2.90 18.00
C52 A1BNI W . -16.05 1.89 14.36
C53 A1BNI W . -16.58 0.58 13.77
C54 A1BNI W . -17.60 0.86 12.67
C55 A1BNI W . -18.69 1.80 13.19
C56 A1BNI W . -18.05 3.04 13.79
C57 A1BNI W . -19.10 4.00 14.35
O20 A1BNI W . -17.15 2.67 14.84
O22 A1BNI W . -18.19 -0.36 12.23
O21 A1BNI W . -19.58 2.14 12.12
ZN ZN X . -2.50 -4.51 2.37
NA NA Y . -14.38 -2.69 4.92
ZN ZN Z . -14.06 13.48 0.42
ZN ZN AA . -6.28 7.27 -0.91
ZN ZN BA . -8.64 9.83 -2.15
ZN ZN CA . -11.51 11.94 -1.40
ZN ZN DA . -11.48 10.29 -4.55
ZN ZN EA . -6.30 9.23 -6.21
CL CL FA . -6.91 8.40 -3.57
NA NA GA . -15.28 8.36 -5.45
ZN ZN HA . -11.32 16.06 -11.42
ZN ZN IA . -4.95 8.47 -18.97
O4 A1BNI JA . -2.06 9.60 -22.36
O3 A1BNI JA . 0.48 8.29 -24.11
O2 A1BNI JA . 2.51 9.91 -21.72
C1 A1BNI JA . 0.68 8.91 -22.82
C2 A1BNI JA . 2.15 9.02 -22.48
C17 A1BNI JA . -0.43 6.61 -19.81
C18 A1BNI JA . 0.22 5.85 -18.83
C19 A1BNI JA . -1.73 7.04 -19.61
C A1BNI JA . -0.14 8.32 -21.63
C16 A1BNI JA . 0.32 6.97 -21.08
C15 A1BNI JA . 0.49 6.88 -24.26
C21 A1BNI JA . -1.66 8.29 -21.92
C20 A1BNI JA . -2.41 7.87 -20.66
O14 A1BNI JA . -3.57 8.23 -20.49
C43 A1BNI JA . -0.44 5.50 -17.65
C42 A1BNI JA . -1.75 5.93 -17.43
C41 A1BNI JA . -2.39 6.69 -18.41
O15 A1BNI JA . -3.67 7.08 -18.17
C44 A1BNI JA . 0.21 4.74 -16.68
C45 A1BNI JA . -0.45 4.39 -15.48
C58 A1BNI JA . -1.75 4.81 -15.27
C59 A1BNI JA . -2.44 4.43 -13.99
C60 A1BNI JA . -2.41 5.57 -16.24
O23 A1BNI JA . -3.68 5.98 -16.00
O16 A1BNI JA . 0.17 3.64 -14.52
C11 A1BNI JA . 3.91 3.69 -19.31
C6 A1BNI JA . 3.90 4.79 -23.73
C8 A1BNI JA . 4.39 5.17 -21.60
C3 A1BNI JA . 4.46 8.26 -22.73
C10 A1BNI JA . 4.57 4.92 -19.22
C4 A1BNI JA . 5.14 7.01 -23.29
C7 A1BNI JA . 3.74 3.95 -21.70
C9 A1BNI JA . 4.82 5.66 -20.37
N1 A1BNI JA . 3.45 3.74 -23.00
C5 A1BNI JA . 4.50 5.70 -22.88
O1 A1BNI JA . 5.06 9.65 -24.56
O A1BNI JA . 5.74 10.48 -22.51
C14 A1BNI JA . 5.16 11.77 -22.32
N A1BNI JA . 3.03 8.17 -23.03
C13 A1BNI JA . 5.09 9.48 -23.35
C12 A1BNI JA . 3.49 3.21 -20.55
C61 A1BNI JA . 5.01 5.44 -17.88
C22 A1BNI JA . -3.26 9.69 -23.14
C23 A1BNI JA . -3.72 11.15 -23.19
C24 A1BNI JA . -4.93 11.36 -24.11
C25 A1BNI JA . -4.69 10.67 -25.46
C26 A1BNI JA . -4.21 9.22 -25.25
C27 A1BNI JA . -3.96 8.51 -26.58
O5 A1BNI JA . -3.03 9.23 -24.47
O7 A1BNI JA . -5.14 12.77 -24.31
O6 A1BNI JA . -5.91 10.67 -26.21
C28 A1BNI JA . -6.50 13.23 -24.23
C29 A1BNI JA . -6.53 14.74 -23.98
C30 A1BNI JA . -7.94 15.33 -24.11
C31 A1BNI JA . -8.59 14.84 -25.40
C32 A1BNI JA . -8.53 13.32 -25.47
C33 A1BNI JA . -9.24 12.77 -26.71
O8 A1BNI JA . -7.16 12.92 -25.46
O10 A1BNI JA . -7.90 16.76 -24.13
O9 A1BNI JA . -7.91 15.39 -26.53
C34 A1BNI JA . -8.16 17.42 -22.88
C35 A1BNI JA . -7.86 18.92 -23.07
C36 A1BNI JA . -8.29 19.79 -21.88
C37 A1BNI JA . -9.69 19.40 -21.41
C38 A1BNI JA . -9.82 17.90 -21.24
C39 A1BNI JA . -11.23 17.51 -20.77
C40 A1BNI JA . -8.24 21.26 -22.26
O12 A1BNI JA . -9.52 17.25 -22.49
O11 A1BNI JA . -7.38 19.56 -20.81
O13 A1BNI JA . -9.95 20.05 -20.16
C46 A1BNI JA . 1.58 3.65 -14.29
C47 A1BNI JA . 1.90 3.43 -12.81
C48 A1BNI JA . 3.41 3.40 -12.61
C49 A1BNI JA . 4.12 2.46 -13.58
C50 A1BNI JA . 3.61 2.65 -15.00
C51 A1BNI JA . 4.17 1.54 -15.91
O17 A1BNI JA . 2.19 2.60 -15.05
O19 A1BNI JA . 3.71 2.98 -11.27
O18 A1BNI JA . 5.53 2.68 -13.54
C52 A1BNI JA . 4.03 4.07 -10.42
C53 A1BNI JA . 3.91 3.65 -8.96
C54 A1BNI JA . 4.30 4.81 -8.05
C55 A1BNI JA . 5.67 5.37 -8.45
C56 A1BNI JA . 5.73 5.65 -9.95
C57 A1BNI JA . 7.14 6.07 -10.38
O20 A1BNI JA . 5.37 4.48 -10.68
O22 A1BNI JA . 4.34 4.36 -6.69
O21 A1BNI JA . 5.91 6.59 -7.73
ZN ZN KA . -2.68 21.19 -8.42
O4 A1BNI LA . -6.20 4.71 -21.28
O3 A1BNI LA . -6.95 5.25 -25.18
O2 A1BNI LA . -8.95 2.83 -23.60
C1 A1BNI LA . -7.43 4.57 -24.01
C2 A1BNI LA . -8.65 3.74 -24.35
C17 A1BNI LA . -8.36 8.07 -22.60
C18 A1BNI LA . -9.20 9.14 -22.94
C19 A1BNI LA . -7.43 8.23 -21.59
C A1BNI LA . -7.74 5.57 -22.88
C16 A1BNI LA . -8.51 6.80 -23.40
C15 A1BNI LA . -5.71 4.73 -25.65
C21 A1BNI LA . -6.44 5.85 -22.11
C20 A1BNI LA . -6.53 7.08 -21.24
O14 A1BNI LA . -5.89 7.13 -20.21
C43 A1BNI LA . -9.12 10.35 -22.24
C42 A1BNI LA . -8.19 10.51 -21.22
C41 A1BNI LA . -7.34 9.43 -20.90
O15 A1BNI LA . -6.42 9.55 -19.91
C44 A1BNI LA . -9.98 11.39 -22.60
C45 A1BNI LA . -9.91 12.62 -21.92
C58 A1BNI LA . -8.98 12.79 -20.90
C59 A1BNI LA . -8.93 14.11 -20.18
C60 A1BNI LA . -8.13 11.74 -20.55
O23 A1BNI LA . -7.21 11.91 -19.55
O16 A1BNI LA . -10.76 13.65 -22.26
C11 A1BNI LA . -13.02 9.30 -25.36
C6 A1BNI LA . -12.03 5.10 -23.88
C8 A1BNI LA . -12.28 6.64 -25.45
C3 A1BNI LA . -10.53 3.29 -25.89
C10 A1BNI LA . -12.72 8.72 -26.58
C4 A1BNI LA . -11.57 4.32 -26.34
C7 A1BNI LA . -12.57 7.22 -24.23
C9 A1BNI LA . -12.36 7.37 -26.64
N1 A1BNI LA . -12.41 6.26 -23.28
C5 A1BNI LA . -11.94 5.31 -25.25
O1 A1BNI LA . -10.79 2.46 -28.12
O A1BNI LA . -9.32 1.24 -26.85
C14 A1BNI LA . -8.19 1.12 -27.71
N A1BNI LA . -9.33 4.04 -25.47
C13 A1BNI LA . -10.24 2.34 -27.03
C12 A1BNI LA . -12.94 8.56 -24.18
C61 A1BNI LA . -12.81 9.52 -27.85
C22 A1BNI LA . -4.84 4.36 -21.03
C23 A1BNI LA . -4.78 3.46 -19.80
C24 A1BNI LA . -3.39 2.85 -19.57
C25 A1BNI LA . -2.83 2.28 -20.88
C26 A1BNI LA . -2.93 3.33 -21.99
C27 A1BNI LA . -2.35 2.83 -23.31
O5 A1BNI LA . -4.30 3.68 -22.16
O7 A1BNI LA . -3.47 1.82 -18.58
O6 A1BNI LA . -1.47 1.89 -20.69
C28 A1BNI LA . -2.36 1.77 -17.66
C29 A1BNI LA . -2.78 1.01 -16.41
C30 A1BNI LA . -1.60 0.77 -15.45
C31 A1BNI LA . -0.33 0.32 -16.17
C32 A1BNI LA . -0.09 1.13 -17.45
C33 A1BNI LA . 1.11 0.59 -18.25
O8 A1BNI LA . -1.26 1.10 -18.27
O10 A1BNI LA . -1.95 -0.22 -14.49
O9 A1BNI LA . -0.43 -1.07 -16.50
C34 A1BNI LA . -2.49 0.27 -13.26
C35 A1BNI LA . -3.24 -0.85 -12.56
C36 A1BNI LA . -3.79 -0.42 -11.21
C37 A1BNI LA . -2.68 0.23 -10.38
C38 A1BNI LA . -1.93 1.30 -11.18
C39 A1BNI LA . -0.78 1.89 -10.38
C40 A1BNI LA . -4.38 -1.62 -10.47
O12 A1BNI LA . -1.44 0.74 -12.41
O11 A1BNI LA . -4.83 0.53 -11.42
O13 A1BNI LA . -3.25 0.81 -9.19
C46 A1BNI LA . -12.08 13.46 -22.75
C47 A1BNI LA . -13.02 14.52 -22.15
C48 A1BNI LA . -14.38 14.55 -22.83
C49 A1BNI LA . -14.22 14.56 -24.35
C50 A1BNI LA . -13.32 13.43 -24.81
C51 A1BNI LA . -13.12 13.49 -26.33
O17 A1BNI LA . -12.05 13.55 -24.17
O19 A1BNI LA . -15.08 15.74 -22.47
O18 A1BNI LA . -15.50 14.45 -24.97
C52 A1BNI LA . -15.98 15.63 -21.37
C53 A1BNI LA . -16.44 17.04 -21.01
C54 A1BNI LA . -17.50 17.04 -19.92
C55 A1BNI LA . -18.60 16.00 -20.17
C56 A1BNI LA . -18.02 14.66 -20.61
C57 A1BNI LA . -19.13 13.71 -21.04
O20 A1BNI LA . -17.11 14.83 -21.71
O22 A1BNI LA . -18.11 18.34 -19.86
O21 A1BNI LA . -19.34 15.81 -18.96
ZN ZN MA . -17.09 23.36 -9.58
NA NA NA . -10.29 -4.68 -3.02
ZN ZN OA . -14.52 3.56 -7.60
ZN ZN PA . -8.83 6.99 -5.20
ZN ZN QA . -11.75 4.87 -5.92
ZN ZN RA . -11.54 6.55 -2.74
ZN ZN SA . -18.07 2.49 -9.97
NA NA TA . 0.80 20.99 -24.10
#